data_8QJP
#
_entry.id   8QJP
#
_cell.length_a   44.434
_cell.length_b   72.800
_cell.length_c   82.928
_cell.angle_alpha   90.000
_cell.angle_beta   102.302
_cell.angle_gamma   90.000
#
_symmetry.space_group_name_H-M   'P 1 21 1'
#
loop_
_entity.id
_entity.type
_entity.pdbx_description
1 polymer 'S1/P1 Nuclease'
2 non-polymer 'ZINC ION'
3 non-polymer GLYCEROL
4 non-polymer "URIDINE-5'-MONOPHOSPHATE"
5 non-polymer 'PHOSPHATE ION'
6 non-polymer 'SULFATE ION'
7 water water
#
_entity_poly.entity_id   1
_entity_poly.type   'polypeptide(L)'
_entity_poly.pdbx_seq_one_letter_code
;WGAQGHRLVAEVADARLNPTARAEVDRLLATEPDATLASIAPWADQLRAKDPGLGRRSAGWHYVNIAEDNCHYEAPKHCR
NGNCIVEALKAQSTILGDRSLTDGERLQALKFVVHLVGDIHQPMHAGYAHDKGGNDFQLQFGNRGTNLHSLWDSGMLNTR
KLDDAGYLPLLQSQRAPKLARQSNPQRDPQTWAEASCRISMQAGVYPATRKIGDEYTERYRPLAEAQLRLAGENLAQLLN
RVLGARLEHHHHHH
;
_entity_poly.pdbx_strand_id   A,B
#
loop_
_chem_comp.id
_chem_comp.type
_chem_comp.name
_chem_comp.formula
GOL non-polymer GLYCEROL 'C3 H8 O3'
PO4 non-polymer 'PHOSPHATE ION' 'O4 P -3'
SO4 non-polymer 'SULFATE ION' 'O4 S -2'
U5P non-polymer URIDINE-5'-MONOPHOSPHATE 'C9 H13 N2 O9 P'
ZN non-polymer 'ZINC ION' 'Zn 2'
#
# COMPACT_ATOMS: atom_id res chain seq x y z
N TRP A 1 21.61 -10.41 -3.60
CA TRP A 1 21.79 -11.70 -4.29
C TRP A 1 23.24 -11.84 -4.68
N GLY A 2 23.63 -13.08 -4.96
CA GLY A 2 24.86 -13.35 -5.73
C GLY A 2 24.67 -13.05 -7.19
N ALA A 3 25.67 -13.33 -8.00
CA ALA A 3 25.71 -12.87 -9.39
C ALA A 3 24.55 -13.48 -10.19
N GLN A 4 24.29 -14.76 -10.03
CA GLN A 4 23.21 -15.40 -10.83
C GLN A 4 21.87 -14.77 -10.50
N GLY A 5 21.54 -14.56 -9.21
CA GLY A 5 20.25 -13.92 -8.90
C GLY A 5 20.16 -12.56 -9.59
N HIS A 6 21.22 -11.78 -9.57
CA HIS A 6 21.20 -10.45 -10.21
C HIS A 6 20.96 -10.56 -11.73
N ARG A 7 21.68 -11.46 -12.38
CA ARG A 7 21.52 -11.63 -13.84
C ARG A 7 20.08 -12.09 -14.13
N LEU A 8 19.52 -13.00 -13.33
CA LEU A 8 18.18 -13.52 -13.63
C LEU A 8 17.12 -12.44 -13.44
N VAL A 9 17.26 -11.57 -12.43
CA VAL A 9 16.33 -10.42 -12.32
C VAL A 9 16.36 -9.60 -13.62
N ALA A 10 17.55 -9.32 -14.09
CA ALA A 10 17.74 -8.51 -15.32
C ALA A 10 17.19 -9.26 -16.54
N GLU A 11 17.37 -10.56 -16.64
CA GLU A 11 16.85 -11.31 -17.79
C GLU A 11 15.33 -11.31 -17.78
N VAL A 12 14.69 -11.49 -16.63
CA VAL A 12 13.24 -11.40 -16.53
C VAL A 12 12.79 -10.02 -17.04
N ALA A 13 13.45 -8.97 -16.56
CA ALA A 13 13.04 -7.59 -16.89
C ALA A 13 13.24 -7.33 -18.36
N ASP A 14 14.34 -7.78 -18.92
CA ASP A 14 14.75 -7.36 -20.28
C ASP A 14 13.66 -7.67 -21.30
N ALA A 15 13.02 -8.81 -21.14
CA ALA A 15 11.98 -9.28 -22.09
C ALA A 15 10.68 -8.51 -21.92
N ARG A 16 10.53 -7.77 -20.83
CA ARG A 16 9.29 -7.03 -20.48
CA ARG A 16 9.27 -7.05 -20.52
C ARG A 16 9.42 -5.53 -20.77
N LEU A 17 10.52 -5.09 -21.35
CA LEU A 17 10.64 -3.64 -21.69
C LEU A 17 9.71 -3.31 -22.85
N ASN A 18 9.12 -2.12 -22.79
CA ASN A 18 8.31 -1.54 -23.89
C ASN A 18 9.27 -1.05 -24.98
N PRO A 19 8.79 -0.79 -26.20
CA PRO A 19 9.71 -0.48 -27.30
C PRO A 19 10.60 0.75 -27.06
N THR A 20 10.09 1.75 -26.37
CA THR A 20 10.88 2.98 -26.06
C THR A 20 12.01 2.67 -25.08
N ALA A 21 11.69 1.95 -24.03
CA ALA A 21 12.69 1.57 -23.02
C ALA A 21 13.68 0.58 -23.63
N ARG A 22 13.21 -0.35 -24.44
CA ARG A 22 14.12 -1.27 -25.18
C ARG A 22 15.17 -0.46 -25.92
N ALA A 23 14.74 0.52 -26.71
CA ALA A 23 15.67 1.27 -27.56
C ALA A 23 16.65 2.09 -26.73
N GLU A 24 16.18 2.66 -25.63
CA GLU A 24 17.07 3.53 -24.83
C GLU A 24 18.05 2.71 -24.01
N VAL A 25 17.59 1.62 -23.42
CA VAL A 25 18.49 0.67 -22.73
C VAL A 25 19.56 0.20 -23.74
N ASP A 26 19.16 -0.21 -24.94
CA ASP A 26 20.14 -0.75 -25.92
C ASP A 26 21.13 0.37 -26.25
N ARG A 27 20.65 1.61 -26.39
CA ARG A 27 21.53 2.72 -26.78
C ARG A 27 22.59 2.97 -25.69
N LEU A 28 22.17 2.99 -24.43
CA LEU A 28 23.10 3.17 -23.31
C LEU A 28 24.07 1.98 -23.23
N LEU A 29 23.57 0.74 -23.34
CA LEU A 29 24.45 -0.45 -23.25
C LEU A 29 25.47 -0.41 -24.39
N ALA A 30 25.10 0.10 -25.58
CA ALA A 30 25.96 0.05 -26.79
C ALA A 30 27.21 0.89 -26.57
N THR A 31 27.18 1.81 -25.60
CA THR A 31 28.34 2.67 -25.28
C THR A 31 29.43 1.87 -24.54
N GLU A 32 29.14 0.65 -24.10
CA GLU A 32 30.14 -0.22 -23.44
C GLU A 32 30.20 -1.58 -24.13
N PRO A 33 31.37 -1.94 -24.70
CA PRO A 33 31.54 -3.21 -25.38
C PRO A 33 31.04 -4.40 -24.56
N ASP A 34 30.22 -5.25 -25.19
CA ASP A 34 29.75 -6.55 -24.65
C ASP A 34 28.69 -6.37 -23.55
N ALA A 35 28.17 -5.17 -23.30
CA ALA A 35 27.25 -4.98 -22.15
C ALA A 35 25.83 -5.39 -22.54
N THR A 36 25.17 -6.19 -21.70
CA THR A 36 23.72 -6.46 -21.78
C THR A 36 23.09 -6.11 -20.43
N LEU A 37 21.76 -6.06 -20.36
CA LEU A 37 21.11 -5.80 -19.05
C LEU A 37 21.57 -6.83 -18.03
N ALA A 38 21.61 -8.11 -18.46
CA ALA A 38 22.04 -9.19 -17.58
C ALA A 38 23.52 -9.06 -17.22
N SER A 39 24.38 -8.74 -18.18
CA SER A 39 25.84 -8.83 -17.90
C SER A 39 26.22 -7.76 -16.89
N ILE A 40 25.56 -6.60 -16.92
CA ILE A 40 25.88 -5.49 -15.99
C ILE A 40 25.22 -5.69 -14.63
N ALA A 41 24.36 -6.67 -14.49
CA ALA A 41 23.54 -6.77 -13.26
C ALA A 41 24.40 -6.98 -12.02
N PRO A 42 25.48 -7.79 -12.04
CA PRO A 42 26.33 -7.97 -10.87
C PRO A 42 27.36 -6.88 -10.62
N TRP A 43 27.51 -5.91 -11.55
CA TRP A 43 28.60 -4.92 -11.56
C TRP A 43 28.72 -4.24 -10.21
N ALA A 44 27.63 -3.83 -9.58
CA ALA A 44 27.74 -3.02 -8.36
C ALA A 44 28.42 -3.81 -7.25
N ASP A 45 28.33 -5.15 -7.25
CA ASP A 45 29.03 -6.00 -6.23
C ASP A 45 30.52 -6.16 -6.51
N GLN A 46 30.98 -5.79 -7.70
CA GLN A 46 32.36 -6.07 -8.17
C GLN A 46 33.27 -4.85 -7.99
N LEU A 47 32.80 -3.78 -7.34
CA LEU A 47 33.53 -2.49 -7.32
C LEU A 47 34.82 -2.51 -6.48
N ARG A 48 35.01 -3.43 -5.53
CA ARG A 48 36.31 -3.55 -4.81
C ARG A 48 37.44 -3.76 -5.82
N ALA A 49 37.20 -4.58 -6.84
CA ALA A 49 38.06 -4.75 -8.04
C ALA A 49 37.92 -3.53 -8.97
N LYS A 50 36.71 -3.24 -9.46
CA LYS A 50 36.45 -2.39 -10.65
C LYS A 50 36.59 -0.89 -10.35
N ASP A 51 36.17 -0.43 -9.16
CA ASP A 51 36.18 1.02 -8.80
C ASP A 51 36.20 1.12 -7.28
N PRO A 52 37.37 1.06 -6.61
CA PRO A 52 37.39 1.05 -5.14
C PRO A 52 36.71 2.27 -4.49
N GLY A 53 36.97 3.49 -4.99
CA GLY A 53 36.39 4.74 -4.43
C GLY A 53 34.87 4.69 -4.47
N LEU A 54 34.30 4.46 -5.66
CA LEU A 54 32.85 4.23 -5.82
C LEU A 54 32.38 3.06 -4.96
N GLY A 55 33.16 1.97 -4.90
CA GLY A 55 32.83 0.78 -4.10
C GLY A 55 32.63 1.13 -2.63
N ARG A 56 33.56 1.89 -2.04
CA ARG A 56 33.46 2.30 -0.62
C ARG A 56 32.23 3.20 -0.48
N ARG A 57 32.01 4.15 -1.42
CA ARG A 57 30.92 5.16 -1.36
CA ARG A 57 30.92 5.15 -1.31
C ARG A 57 29.54 4.47 -1.39
N SER A 58 29.44 3.37 -2.13
CA SER A 58 28.15 2.74 -2.48
C SER A 58 27.92 1.43 -1.71
N ALA A 59 28.84 0.98 -0.87
CA ALA A 59 28.71 -0.33 -0.19
C ALA A 59 27.37 -0.44 0.58
N GLY A 60 26.98 0.62 1.26
CA GLY A 60 25.77 0.61 2.10
C GLY A 60 24.51 0.66 1.26
N TRP A 61 24.62 0.97 -0.04
CA TRP A 61 23.45 1.15 -0.90
C TRP A 61 22.77 -0.20 -1.17
N HIS A 62 23.40 -1.31 -0.80
CA HIS A 62 22.86 -2.64 -1.18
C HIS A 62 21.79 -3.12 -0.21
N TYR A 63 21.59 -2.45 0.92
CA TYR A 63 20.66 -3.00 1.93
C TYR A 63 20.04 -1.91 2.78
N VAL A 64 19.04 -2.30 3.55
CA VAL A 64 18.46 -1.45 4.59
C VAL A 64 17.89 -2.36 5.67
N ASN A 65 18.49 -2.29 6.83
CA ASN A 65 18.19 -3.30 7.86
C ASN A 65 17.14 -2.70 8.82
N ILE A 66 15.88 -3.05 8.60
CA ILE A 66 14.70 -2.47 9.28
C ILE A 66 13.93 -3.50 10.11
N ALA A 67 14.41 -4.73 10.25
CA ALA A 67 13.59 -5.75 10.94
C ALA A 67 13.40 -5.44 12.44
N GLU A 68 14.37 -4.84 13.12
CA GLU A 68 14.17 -4.51 14.54
C GLU A 68 13.06 -3.48 14.74
N ASP A 69 12.78 -2.66 13.71
CA ASP A 69 11.68 -1.67 13.74
C ASP A 69 10.46 -2.26 13.02
N ASN A 70 10.29 -3.57 13.09
CA ASN A 70 9.09 -4.25 12.56
C ASN A 70 8.82 -3.86 11.11
N CYS A 71 9.88 -3.70 10.34
CA CYS A 71 9.83 -3.50 8.89
C CYS A 71 9.06 -2.21 8.55
N HIS A 72 9.23 -1.20 9.39
CA HIS A 72 8.69 0.17 9.16
C HIS A 72 9.87 1.12 8.95
N TYR A 73 10.14 1.45 7.71
CA TYR A 73 11.29 2.28 7.29
C TYR A 73 11.09 3.75 7.68
N GLU A 74 12.15 4.36 8.19
CA GLU A 74 12.26 5.80 8.48
C GLU A 74 13.60 6.28 7.94
N ALA A 75 13.60 7.16 6.95
CA ALA A 75 14.85 7.57 6.27
C ALA A 75 15.85 8.19 7.24
N PRO A 76 15.49 9.11 8.16
CA PRO A 76 16.51 9.72 9.01
C PRO A 76 17.22 8.71 9.91
N LYS A 77 16.46 7.71 10.37
CA LYS A 77 17.00 6.70 11.31
C LYS A 77 17.74 5.59 10.55
N HIS A 78 17.13 5.08 9.48
CA HIS A 78 17.63 3.85 8.80
C HIS A 78 18.51 4.20 7.62
N CYS A 79 18.53 5.47 7.24
CA CYS A 79 19.20 5.84 5.98
C CYS A 79 19.91 7.19 6.12
N ARG A 80 20.69 7.34 7.19
CA ARG A 80 21.48 8.57 7.37
C ARG A 80 22.33 8.81 6.12
N ASN A 81 22.33 10.07 5.67
CA ASN A 81 23.15 10.51 4.52
C ASN A 81 22.70 9.84 3.22
N GLY A 82 21.52 9.21 3.20
CA GLY A 82 21.06 8.50 2.00
C GLY A 82 21.75 7.16 1.79
N ASN A 83 22.51 6.68 2.77
CA ASN A 83 23.38 5.49 2.63
C ASN A 83 22.62 4.19 2.91
N CYS A 84 21.66 3.91 2.07
CA CYS A 84 20.88 2.65 2.14
C CYS A 84 20.17 2.45 0.82
N ILE A 85 19.61 1.27 0.62
CA ILE A 85 19.07 0.91 -0.71
C ILE A 85 17.85 1.73 -1.07
N VAL A 86 17.03 2.12 -0.10
CA VAL A 86 15.80 2.85 -0.46
C VAL A 86 16.18 4.17 -1.13
N GLU A 87 16.98 4.97 -0.44
CA GLU A 87 17.31 6.29 -0.96
C GLU A 87 18.26 6.20 -2.16
N ALA A 88 19.16 5.23 -2.20
CA ALA A 88 20.05 5.06 -3.36
C ALA A 88 19.23 4.70 -4.58
N LEU A 89 18.28 3.78 -4.45
CA LEU A 89 17.50 3.37 -5.64
C LEU A 89 16.67 4.56 -6.15
N LYS A 90 16.11 5.35 -5.23
CA LYS A 90 15.36 6.57 -5.64
C LYS A 90 16.27 7.50 -6.45
N ALA A 91 17.43 7.82 -5.89
CA ALA A 91 18.33 8.81 -6.51
C ALA A 91 18.85 8.28 -7.86
N GLN A 92 19.24 7.01 -7.91
CA GLN A 92 19.78 6.45 -9.19
C GLN A 92 18.66 6.40 -10.24
N SER A 93 17.42 6.22 -9.82
CA SER A 93 16.27 6.26 -10.76
C SER A 93 16.15 7.68 -11.34
N THR A 94 16.27 8.69 -10.53
CA THR A 94 16.22 10.10 -10.99
C THR A 94 17.37 10.36 -11.97
N ILE A 95 18.56 9.95 -11.61
CA ILE A 95 19.76 10.19 -12.47
C ILE A 95 19.53 9.50 -13.80
N LEU A 96 19.14 8.23 -13.76
CA LEU A 96 18.92 7.48 -14.99
C LEU A 96 17.95 8.22 -15.93
N GLY A 97 16.87 8.75 -15.38
CA GLY A 97 15.85 9.46 -16.18
C GLY A 97 16.28 10.80 -16.71
N ASP A 98 17.39 11.38 -16.24
CA ASP A 98 17.78 12.75 -16.58
C ASP A 98 18.52 12.74 -17.91
N ARG A 99 17.78 13.05 -18.99
CA ARG A 99 18.31 12.94 -20.36
C ARG A 99 19.35 14.01 -20.65
N SER A 100 19.53 14.99 -19.76
CA SER A 100 20.55 16.04 -19.93
C SER A 100 21.95 15.54 -19.57
N LEU A 101 22.05 14.38 -18.91
CA LEU A 101 23.35 13.86 -18.45
C LEU A 101 24.05 13.12 -19.58
N THR A 102 25.33 12.85 -19.39
CA THR A 102 26.12 12.10 -20.38
C THR A 102 25.68 10.63 -20.39
N ASP A 103 25.97 9.96 -21.49
CA ASP A 103 25.70 8.52 -21.61
C ASP A 103 26.41 7.77 -20.48
N GLY A 104 27.64 8.17 -20.13
CA GLY A 104 28.43 7.46 -19.11
C GLY A 104 27.75 7.60 -17.75
N GLU A 105 27.23 8.78 -17.46
CA GLU A 105 26.54 9.04 -16.18
C GLU A 105 25.29 8.19 -16.12
N ARG A 106 24.53 8.16 -17.21
CA ARG A 106 23.22 7.46 -17.19
C ARG A 106 23.44 5.94 -17.23
N LEU A 107 24.46 5.48 -17.94
CA LEU A 107 24.78 4.03 -17.93
C LEU A 107 25.16 3.59 -16.50
N GLN A 108 25.96 4.38 -15.78
CA GLN A 108 26.33 4.01 -14.39
C GLN A 108 25.06 3.93 -13.57
N ALA A 109 24.15 4.90 -13.71
CA ALA A 109 22.89 4.86 -12.96
C ALA A 109 22.11 3.59 -13.34
N LEU A 110 22.04 3.24 -14.61
CA LEU A 110 21.35 2.02 -15.06
C LEU A 110 21.92 0.78 -14.35
N LYS A 111 23.24 0.70 -14.26
CA LYS A 111 23.91 -0.42 -13.58
C LYS A 111 23.42 -0.48 -12.12
N PHE A 112 23.39 0.67 -11.45
CA PHE A 112 22.91 0.65 -10.07
C PHE A 112 21.43 0.27 -10.00
N VAL A 113 20.59 0.83 -10.87
CA VAL A 113 19.13 0.53 -10.79
C VAL A 113 18.90 -0.98 -11.00
N VAL A 114 19.52 -1.55 -12.02
CA VAL A 114 19.36 -2.99 -12.30
C VAL A 114 19.76 -3.80 -11.07
N HIS A 115 20.91 -3.48 -10.47
CA HIS A 115 21.41 -4.25 -9.32
C HIS A 115 20.47 -4.06 -8.12
N LEU A 116 20.18 -2.78 -7.83
CA LEU A 116 19.47 -2.45 -6.60
C LEU A 116 18.02 -2.92 -6.64
N VAL A 117 17.34 -2.93 -7.79
CA VAL A 117 15.99 -3.53 -7.76
C VAL A 117 16.14 -5.01 -7.38
N GLY A 118 17.20 -5.68 -7.85
CA GLY A 118 17.41 -7.06 -7.38
C GLY A 118 17.58 -7.10 -5.85
N ASP A 119 18.55 -6.35 -5.33
CA ASP A 119 18.89 -6.44 -3.89
C ASP A 119 17.71 -6.05 -3.01
N ILE A 120 16.87 -5.12 -3.42
CA ILE A 120 15.77 -4.65 -2.55
C ILE A 120 14.65 -5.69 -2.48
N HIS A 121 14.71 -6.71 -3.34
CA HIS A 121 13.83 -7.88 -3.32
C HIS A 121 14.46 -9.10 -2.64
N GLN A 122 15.69 -8.99 -2.14
CA GLN A 122 16.35 -10.10 -1.37
CA GLN A 122 16.33 -10.08 -1.38
C GLN A 122 16.00 -9.89 0.09
N PRO A 123 15.17 -10.75 0.70
CA PRO A 123 14.78 -10.59 2.12
C PRO A 123 15.95 -10.22 3.04
N MET A 124 17.08 -10.90 2.89
CA MET A 124 18.23 -10.72 3.82
CA MET A 124 18.21 -10.71 3.85
C MET A 124 19.01 -9.42 3.53
N HIS A 125 18.62 -8.67 2.50
CA HIS A 125 19.08 -7.29 2.28
C HIS A 125 18.15 -6.26 2.93
N ALA A 126 17.13 -6.70 3.65
CA ALA A 126 16.18 -5.78 4.33
C ALA A 126 15.86 -6.27 5.73
N GLY A 127 16.78 -6.99 6.35
CA GLY A 127 16.49 -7.72 7.60
C GLY A 127 17.01 -7.07 8.85
N TYR A 128 17.61 -7.87 9.73
CA TYR A 128 18.12 -7.39 11.02
C TYR A 128 19.43 -6.62 10.83
N ALA A 129 19.54 -5.48 11.48
CA ALA A 129 20.83 -4.78 11.60
C ALA A 129 21.79 -5.55 12.52
N HIS A 130 21.27 -6.13 13.58
CA HIS A 130 22.17 -6.61 14.64
C HIS A 130 23.02 -7.81 14.20
N ASP A 131 22.58 -8.60 13.20
CA ASP A 131 23.34 -9.75 12.69
C ASP A 131 23.76 -9.51 11.23
N LYS A 132 23.75 -8.25 10.78
CA LYS A 132 24.17 -7.86 9.42
C LYS A 132 23.37 -8.65 8.39
N GLY A 133 22.06 -8.59 8.48
CA GLY A 133 21.18 -9.18 7.46
C GLY A 133 21.33 -10.69 7.42
N GLY A 134 21.51 -11.32 8.56
CA GLY A 134 21.72 -12.76 8.64
C GLY A 134 23.13 -13.24 8.32
N ASN A 135 24.07 -12.35 8.00
CA ASN A 135 25.46 -12.75 7.71
C ASN A 135 26.06 -13.40 8.97
N ASP A 136 25.72 -12.91 10.15
CA ASP A 136 26.32 -13.45 11.40
C ASP A 136 25.64 -14.72 11.88
N PHE A 137 24.57 -15.16 11.22
CA PHE A 137 23.83 -16.38 11.59
C PHE A 137 24.43 -17.55 10.81
N GLN A 138 25.43 -18.20 11.42
CA GLN A 138 26.15 -19.29 10.73
C GLN A 138 25.34 -20.56 10.93
N LEU A 139 25.32 -21.39 9.88
CA LEU A 139 24.55 -22.65 9.92
C LEU A 139 25.16 -23.65 8.96
N GLN A 140 24.79 -24.90 9.17
CA GLN A 140 25.11 -26.01 8.27
C GLN A 140 23.92 -26.24 7.35
N PHE A 141 24.19 -26.24 6.05
CA PHE A 141 23.20 -26.47 4.99
C PHE A 141 23.62 -27.72 4.21
N GLY A 142 22.90 -28.81 4.43
CA GLY A 142 23.38 -30.13 3.98
C GLY A 142 24.69 -30.44 4.67
N ASN A 143 25.76 -30.71 3.93
CA ASN A 143 27.04 -31.07 4.59
C ASN A 143 28.01 -29.89 4.61
N ARG A 144 27.52 -28.66 4.45
CA ARG A 144 28.41 -27.51 4.16
C ARG A 144 28.09 -26.31 5.04
N GLY A 145 29.13 -25.67 5.52
CA GLY A 145 28.96 -24.50 6.36
C GLY A 145 28.66 -23.25 5.55
N THR A 146 27.70 -22.46 6.00
CA THR A 146 27.33 -21.20 5.33
C THR A 146 26.75 -20.26 6.39
N ASN A 147 26.01 -19.27 5.93
CA ASN A 147 25.28 -18.36 6.82
C ASN A 147 23.94 -18.03 6.16
N LEU A 148 23.02 -17.50 6.94
CA LEU A 148 21.66 -17.32 6.46
C LEU A 148 21.61 -16.33 5.29
N HIS A 149 22.45 -15.32 5.33
CA HIS A 149 22.53 -14.32 4.26
C HIS A 149 22.91 -14.99 2.93
N SER A 150 24.01 -15.72 2.94
CA SER A 150 24.51 -16.41 1.75
C SER A 150 23.51 -17.49 1.30
N LEU A 151 22.81 -18.13 2.20
CA LEU A 151 21.84 -19.18 1.84
C LEU A 151 20.77 -18.54 0.93
N TRP A 152 20.32 -17.34 1.28
CA TRP A 152 19.29 -16.62 0.54
C TRP A 152 19.88 -15.95 -0.71
N ASP A 153 21.08 -15.41 -0.66
CA ASP A 153 21.69 -14.77 -1.84
C ASP A 153 21.95 -15.77 -2.94
N SER A 154 22.40 -16.97 -2.59
CA SER A 154 22.83 -17.95 -3.62
C SER A 154 22.69 -19.41 -3.22
N GLY A 155 22.80 -19.77 -1.94
CA GLY A 155 22.89 -21.20 -1.61
C GLY A 155 21.68 -21.99 -2.08
N MET A 156 20.50 -21.49 -1.80
CA MET A 156 19.27 -22.17 -2.29
C MET A 156 19.19 -22.16 -3.81
N LEU A 157 19.48 -21.04 -4.45
CA LEU A 157 19.42 -21.01 -5.93
C LEU A 157 20.37 -22.09 -6.51
N ASN A 158 21.54 -22.24 -5.90
CA ASN A 158 22.56 -23.17 -6.45
C ASN A 158 22.07 -24.62 -6.40
N THR A 159 21.11 -24.93 -5.53
CA THR A 159 20.57 -26.32 -5.44
C THR A 159 19.89 -26.73 -6.74
N ARG A 160 19.42 -25.80 -7.55
CA ARG A 160 18.79 -26.17 -8.85
C ARG A 160 19.84 -26.70 -9.85
N LYS A 161 21.11 -26.35 -9.66
CA LYS A 161 22.21 -26.74 -10.58
C LYS A 161 21.84 -26.33 -12.01
N LEU A 162 21.33 -25.11 -12.18
CA LEU A 162 20.96 -24.56 -13.49
C LEU A 162 21.85 -23.37 -13.81
N ASP A 163 22.28 -23.27 -15.06
CA ASP A 163 22.83 -21.98 -15.55
C ASP A 163 21.68 -21.03 -15.85
N ASP A 164 22.01 -19.80 -16.26
CA ASP A 164 20.91 -18.82 -16.40
C ASP A 164 19.89 -19.30 -17.44
N ALA A 165 20.36 -19.94 -18.50
CA ALA A 165 19.47 -20.34 -19.60
C ALA A 165 18.48 -21.41 -19.08
N GLY A 166 18.89 -22.25 -18.14
CA GLY A 166 17.97 -23.24 -17.51
C GLY A 166 17.05 -22.61 -16.48
N TYR A 167 17.56 -21.64 -15.71
CA TYR A 167 16.79 -21.05 -14.61
C TYR A 167 15.73 -20.06 -15.11
N LEU A 168 16.08 -19.29 -16.13
CA LEU A 168 15.22 -18.21 -16.59
C LEU A 168 13.80 -18.71 -16.91
N PRO A 169 13.61 -19.76 -17.73
CA PRO A 169 12.24 -20.13 -18.11
C PRO A 169 11.48 -20.72 -16.93
N LEU A 170 12.21 -21.28 -15.97
CA LEU A 170 11.59 -21.74 -14.73
C LEU A 170 10.96 -20.53 -13.99
N LEU A 171 11.69 -19.42 -13.86
CA LEU A 171 11.13 -18.19 -13.25
C LEU A 171 9.94 -17.68 -14.06
N GLN A 172 10.06 -17.70 -15.38
CA GLN A 172 9.03 -17.18 -16.27
C GLN A 172 7.76 -18.04 -16.23
N SER A 173 7.87 -19.30 -15.86
CA SER A 173 6.76 -20.28 -15.78
CA SER A 173 6.68 -20.18 -15.86
C SER A 173 5.85 -20.00 -14.57
N GLN A 174 6.35 -19.27 -13.58
CA GLN A 174 5.54 -19.03 -12.38
C GLN A 174 4.31 -18.21 -12.72
N ARG A 175 3.31 -18.31 -11.85
CA ARG A 175 2.13 -17.42 -11.88
C ARG A 175 2.65 -15.97 -11.85
N ALA A 176 2.08 -15.11 -12.67
CA ALA A 176 2.46 -13.69 -12.72
C ALA A 176 2.17 -13.07 -11.36
N PRO A 177 3.12 -12.31 -10.79
CA PRO A 177 2.83 -11.54 -9.59
C PRO A 177 1.92 -10.34 -9.93
N LYS A 178 1.11 -9.96 -8.96
CA LYS A 178 0.32 -8.71 -9.03
C LYS A 178 1.24 -7.55 -8.65
N LEU A 179 1.46 -6.62 -9.55
CA LEU A 179 2.34 -5.45 -9.30
C LEU A 179 1.48 -4.27 -8.88
N ALA A 180 2.13 -3.20 -8.47
CA ALA A 180 1.45 -1.90 -8.35
C ALA A 180 0.80 -1.55 -9.69
N ARG A 181 -0.28 -0.76 -9.64
CA ARG A 181 -0.97 -0.36 -10.88
C ARG A 181 -0.09 0.63 -11.66
N GLN A 182 0.84 1.31 -11.03
CA GLN A 182 1.74 2.25 -11.72
C GLN A 182 3.08 2.28 -11.00
N SER A 183 4.13 2.55 -11.72
CA SER A 183 5.46 2.78 -11.11
C SER A 183 5.49 4.18 -10.50
N ASN A 184 5.94 4.25 -9.26
CA ASN A 184 6.33 5.52 -8.62
C ASN A 184 7.77 5.35 -8.16
N PRO A 185 8.75 5.82 -8.96
CA PRO A 185 10.15 5.59 -8.60
C PRO A 185 10.60 6.14 -7.23
N GLN A 186 9.91 7.15 -6.75
CA GLN A 186 10.33 7.77 -5.46
C GLN A 186 9.65 7.09 -4.27
N ARG A 187 8.56 6.37 -4.48
CA ARG A 187 7.77 5.78 -3.35
C ARG A 187 7.88 4.25 -3.32
N ASP A 188 8.03 3.62 -4.46
CA ASP A 188 8.01 2.13 -4.50
C ASP A 188 9.22 1.51 -3.79
N PRO A 189 10.43 2.12 -3.80
CA PRO A 189 11.53 1.49 -3.08
C PRO A 189 11.20 1.16 -1.62
N GLN A 190 10.60 2.10 -0.89
CA GLN A 190 10.26 1.82 0.52
C GLN A 190 9.28 0.65 0.57
N THR A 191 8.29 0.64 -0.28
CA THR A 191 7.30 -0.47 -0.30
C THR A 191 8.02 -1.81 -0.46
N TRP A 192 8.93 -1.85 -1.39
CA TRP A 192 9.61 -3.13 -1.73
C TRP A 192 10.54 -3.56 -0.59
N ALA A 193 11.26 -2.62 0.01
CA ALA A 193 12.15 -2.93 1.15
C ALA A 193 11.31 -3.47 2.32
N GLU A 194 10.18 -2.84 2.61
CA GLU A 194 9.34 -3.29 3.75
C GLU A 194 8.80 -4.70 3.44
N ALA A 195 8.37 -4.97 2.21
CA ALA A 195 7.87 -6.32 1.84
C ALA A 195 8.99 -7.35 2.01
N SER A 196 10.20 -7.02 1.56
CA SER A 196 11.34 -7.95 1.71
C SER A 196 11.68 -8.20 3.19
N CYS A 197 11.63 -7.13 3.99
CA CYS A 197 11.82 -7.26 5.44
C CYS A 197 10.77 -8.21 6.02
N ARG A 198 9.51 -8.08 5.63
CA ARG A 198 8.48 -8.95 6.23
C ARG A 198 8.81 -10.41 5.91
N ILE A 199 9.33 -10.70 4.71
CA ILE A 199 9.74 -12.11 4.43
C ILE A 199 10.87 -12.51 5.38
N SER A 200 11.84 -11.64 5.61
CA SER A 200 12.96 -12.05 6.49
C SER A 200 12.43 -12.48 7.88
N MET A 201 11.32 -11.88 8.30
CA MET A 201 10.72 -12.08 9.64
CA MET A 201 10.69 -12.05 9.65
C MET A 201 9.61 -13.13 9.62
N GLN A 202 9.35 -13.76 8.47
CA GLN A 202 8.29 -14.80 8.40
C GLN A 202 8.70 -16.05 9.19
N ALA A 203 7.71 -16.79 9.64
CA ALA A 203 7.93 -17.98 10.47
C ALA A 203 8.87 -18.96 9.77
N GLY A 204 9.94 -19.33 10.43
CA GLY A 204 10.88 -20.36 9.94
C GLY A 204 11.96 -19.87 9.01
N VAL A 205 11.90 -18.64 8.50
CA VAL A 205 12.98 -18.13 7.61
C VAL A 205 14.28 -18.08 8.42
N TYR A 206 14.22 -17.55 9.62
CA TYR A 206 15.25 -17.81 10.64
C TYR A 206 14.94 -19.18 11.25
N PRO A 207 15.75 -20.23 10.97
CA PRO A 207 15.41 -21.58 11.40
C PRO A 207 15.65 -21.76 12.91
N ALA A 208 14.94 -22.72 13.49
CA ALA A 208 14.96 -22.95 14.94
C ALA A 208 16.22 -23.74 15.35
N THR A 209 16.96 -24.28 14.38
CA THR A 209 18.24 -24.98 14.61
C THR A 209 19.28 -24.46 13.63
N ARG A 210 20.54 -24.82 13.83
CA ARG A 210 21.65 -24.40 12.95
C ARG A 210 22.07 -25.53 12.01
N LYS A 211 21.27 -26.58 11.85
CA LYS A 211 21.49 -27.66 10.85
C LYS A 211 20.21 -27.81 10.02
N ILE A 212 20.29 -27.44 8.76
CA ILE A 212 19.11 -27.51 7.85
C ILE A 212 19.53 -28.21 6.56
N GLY A 213 18.55 -28.47 5.72
CA GLY A 213 18.78 -29.20 4.48
C GLY A 213 17.59 -29.13 3.58
N ASP A 214 17.23 -30.27 3.00
CA ASP A 214 16.22 -30.27 1.92
C ASP A 214 14.86 -29.77 2.39
N GLU A 215 14.46 -29.99 3.64
CA GLU A 215 13.14 -29.49 4.07
C GLU A 215 13.12 -27.95 3.94
N TYR A 216 14.18 -27.29 4.34
CA TYR A 216 14.27 -25.83 4.25
C TYR A 216 14.24 -25.40 2.78
N THR A 217 15.06 -26.02 1.95
CA THR A 217 15.09 -25.71 0.52
C THR A 217 13.68 -25.83 -0.05
N GLU A 218 13.02 -26.97 0.19
CA GLU A 218 11.73 -27.22 -0.47
C GLU A 218 10.69 -26.22 -0.02
N ARG A 219 10.78 -25.69 1.19
CA ARG A 219 9.81 -24.68 1.68
CA ARG A 219 9.82 -24.68 1.70
C ARG A 219 10.17 -23.28 1.18
N TYR A 220 11.43 -22.88 1.23
CA TYR A 220 11.82 -21.47 1.02
C TYR A 220 12.45 -21.19 -0.33
N ARG A 221 13.00 -22.16 -1.02
CA ARG A 221 13.53 -21.87 -2.35
C ARG A 221 12.40 -21.35 -3.26
N PRO A 222 11.15 -21.87 -3.17
CA PRO A 222 10.08 -21.29 -4.00
C PRO A 222 9.91 -19.80 -3.74
N LEU A 223 10.04 -19.40 -2.50
CA LEU A 223 9.88 -17.98 -2.12
C LEU A 223 11.04 -17.15 -2.65
N ALA A 224 12.26 -17.65 -2.54
CA ALA A 224 13.40 -16.94 -3.18
C ALA A 224 13.13 -16.81 -4.69
N GLU A 225 12.72 -17.87 -5.34
CA GLU A 225 12.45 -17.82 -6.80
C GLU A 225 11.28 -16.87 -7.15
N ALA A 226 10.27 -16.82 -6.30
CA ALA A 226 9.17 -15.86 -6.49
C ALA A 226 9.72 -14.44 -6.38
N GLN A 227 10.60 -14.21 -5.44
CA GLN A 227 11.20 -12.88 -5.28
C GLN A 227 12.06 -12.51 -6.51
N LEU A 228 12.74 -13.44 -7.14
CA LEU A 228 13.51 -13.12 -8.37
C LEU A 228 12.53 -12.70 -9.48
N ARG A 229 11.45 -13.46 -9.67
CA ARG A 229 10.44 -13.10 -10.68
C ARG A 229 9.86 -11.72 -10.38
N LEU A 230 9.47 -11.50 -9.13
CA LEU A 230 8.87 -10.21 -8.73
C LEU A 230 9.85 -9.09 -9.01
N ALA A 231 11.08 -9.24 -8.57
CA ALA A 231 12.13 -8.23 -8.83
C ALA A 231 12.27 -7.92 -10.30
N GLY A 232 12.27 -8.94 -11.13
CA GLY A 232 12.40 -8.71 -12.57
C GLY A 232 11.22 -7.95 -13.16
N GLU A 233 10.01 -8.32 -12.72
CA GLU A 233 8.79 -7.64 -13.22
C GLU A 233 8.78 -6.17 -12.71
N ASN A 234 9.19 -5.96 -11.47
CA ASN A 234 9.23 -4.62 -10.89
C ASN A 234 10.33 -3.79 -11.57
N LEU A 235 11.44 -4.40 -11.92
CA LEU A 235 12.52 -3.70 -12.63
C LEU A 235 12.02 -3.27 -14.02
N ALA A 236 11.34 -4.14 -14.74
CA ALA A 236 10.82 -3.77 -16.08
C ALA A 236 9.81 -2.61 -15.93
N GLN A 237 8.91 -2.69 -14.95
CA GLN A 237 7.89 -1.65 -14.76
CA GLN A 237 7.89 -1.64 -14.76
C GLN A 237 8.59 -0.31 -14.46
N LEU A 238 9.64 -0.35 -13.64
CA LEU A 238 10.39 0.88 -13.33
C LEU A 238 11.12 1.39 -14.56
N LEU A 239 11.84 0.55 -15.31
CA LEU A 239 12.52 1.03 -16.53
C LEU A 239 11.53 1.56 -17.57
N ASN A 240 10.36 0.93 -17.67
CA ASN A 240 9.32 1.42 -18.57
C ASN A 240 8.85 2.82 -18.17
N ARG A 241 8.77 3.10 -16.88
CA ARG A 241 8.41 4.44 -16.39
C ARG A 241 9.56 5.42 -16.65
N VAL A 242 10.80 5.07 -16.32
CA VAL A 242 11.92 6.02 -16.35
C VAL A 242 12.40 6.26 -17.78
N LEU A 243 12.48 5.20 -18.58
CA LEU A 243 13.10 5.24 -19.92
C LEU A 243 12.07 4.99 -21.02
N GLY A 244 10.84 4.61 -20.69
CA GLY A 244 9.85 4.23 -21.74
C GLY A 244 8.55 5.01 -21.63
N ALA A 245 8.56 6.26 -21.17
CA ALA A 245 7.30 6.96 -20.81
C ALA A 245 6.45 7.35 -22.04
N ARG A 246 7.06 7.48 -23.21
CA ARG A 246 6.32 7.85 -24.45
C ARG A 246 6.59 6.78 -25.52
N LEU A 247 5.54 6.35 -26.23
CA LEU A 247 5.66 5.63 -27.53
C LEU A 247 5.37 6.67 -28.60
N GLU A 248 4.08 6.96 -28.87
CA GLU A 248 3.68 8.16 -29.64
C GLU A 248 4.27 9.36 -28.93
N HIS A 249 4.84 10.28 -29.71
CA HIS A 249 5.31 11.63 -29.25
C HIS A 249 6.59 11.52 -28.45
N HIS A 250 7.34 10.43 -28.55
CA HIS A 250 8.67 10.30 -27.92
C HIS A 250 9.69 11.21 -28.63
N TRP B 1 -12.72 7.28 5.34
CA TRP B 1 -11.94 8.26 6.15
C TRP B 1 -10.81 7.53 6.89
N GLY B 2 -9.83 8.29 7.34
CA GLY B 2 -8.89 7.84 8.37
C GLY B 2 -9.54 7.78 9.74
N ALA B 3 -8.79 7.36 10.75
CA ALA B 3 -9.36 7.04 12.06
C ALA B 3 -10.04 8.28 12.65
N GLN B 4 -9.41 9.44 12.56
CA GLN B 4 -10.01 10.64 13.18
C GLN B 4 -11.36 10.92 12.52
N GLY B 5 -11.45 10.90 11.19
CA GLY B 5 -12.74 11.14 10.53
C GLY B 5 -13.79 10.19 11.08
N HIS B 6 -13.47 8.89 11.20
CA HIS B 6 -14.44 7.88 11.71
C HIS B 6 -14.89 8.24 13.13
N ARG B 7 -13.94 8.60 13.99
CA ARG B 7 -14.28 8.92 15.40
C ARG B 7 -15.17 10.17 15.43
N LEU B 8 -14.90 11.15 14.57
CA LEU B 8 -15.69 12.40 14.56
C LEU B 8 -17.11 12.12 14.09
N VAL B 9 -17.28 11.29 13.06
CA VAL B 9 -18.64 10.93 12.61
C VAL B 9 -19.39 10.33 13.80
N ALA B 10 -18.76 9.40 14.51
CA ALA B 10 -19.38 8.72 15.68
C ALA B 10 -19.69 9.70 16.80
N GLU B 11 -18.79 10.63 17.07
CA GLU B 11 -18.96 11.63 18.16
CA GLU B 11 -18.96 11.66 18.13
C GLU B 11 -20.15 12.55 17.79
N VAL B 12 -20.26 12.97 16.53
CA VAL B 12 -21.41 13.78 16.10
C VAL B 12 -22.68 12.96 16.37
N ALA B 13 -22.67 11.71 15.91
CA ALA B 13 -23.87 10.86 16.05
C ALA B 13 -24.23 10.60 17.53
N ASP B 14 -23.23 10.33 18.38
CA ASP B 14 -23.42 9.87 19.78
C ASP B 14 -24.30 10.88 20.52
N ALA B 15 -24.09 12.17 20.28
CA ALA B 15 -24.79 13.21 21.05
C ALA B 15 -26.22 13.38 20.54
N ARG B 16 -26.54 12.80 19.39
CA ARG B 16 -27.85 12.95 18.70
CA ARG B 16 -27.87 12.98 18.74
C ARG B 16 -28.74 11.73 18.92
N LEU B 17 -28.27 10.74 19.68
CA LEU B 17 -29.12 9.54 19.95
C LEU B 17 -30.26 9.89 20.91
N ASN B 18 -31.43 9.35 20.61
CA ASN B 18 -32.64 9.53 21.47
C ASN B 18 -32.44 8.61 22.67
N PRO B 19 -33.23 8.77 23.75
CA PRO B 19 -32.99 7.99 24.98
C PRO B 19 -33.01 6.47 24.77
N THR B 20 -33.90 5.97 23.92
CA THR B 20 -34.06 4.51 23.68
C THR B 20 -32.79 3.99 22.98
N ALA B 21 -32.34 4.66 21.92
CA ALA B 21 -31.12 4.26 21.19
C ALA B 21 -29.90 4.47 22.09
N ARG B 22 -29.87 5.56 22.88
CA ARG B 22 -28.76 5.82 23.83
C ARG B 22 -28.60 4.59 24.76
N ALA B 23 -29.70 4.10 25.35
CA ALA B 23 -29.63 2.99 26.32
C ALA B 23 -29.13 1.72 25.63
N GLU B 24 -29.62 1.43 24.43
CA GLU B 24 -29.35 0.14 23.75
C GLU B 24 -27.90 0.18 23.23
N VAL B 25 -27.48 1.31 22.66
CA VAL B 25 -26.06 1.47 22.27
C VAL B 25 -25.16 1.26 23.51
N ASP B 26 -25.48 1.94 24.61
CA ASP B 26 -24.64 1.84 25.84
C ASP B 26 -24.63 0.39 26.32
N ARG B 27 -25.78 -0.29 26.24
CA ARG B 27 -25.88 -1.70 26.66
C ARG B 27 -24.93 -2.57 25.82
N LEU B 28 -24.96 -2.42 24.50
CA LEU B 28 -24.11 -3.21 23.60
C LEU B 28 -22.63 -2.86 23.84
N LEU B 29 -22.28 -1.57 23.94
CA LEU B 29 -20.87 -1.16 24.14
C LEU B 29 -20.34 -1.73 25.46
N ALA B 30 -21.21 -1.81 26.48
CA ALA B 30 -20.81 -2.19 27.85
C ALA B 30 -20.33 -3.63 27.88
N THR B 31 -20.67 -4.44 26.86
CA THR B 31 -20.23 -5.85 26.80
C THR B 31 -18.76 -5.94 26.39
N GLU B 32 -18.17 -4.82 25.93
CA GLU B 32 -16.74 -4.76 25.53
C GLU B 32 -16.03 -3.68 26.36
N PRO B 33 -15.06 -4.06 27.22
CA PRO B 33 -14.33 -3.09 28.04
C PRO B 33 -13.78 -1.94 27.19
N ASP B 34 -13.96 -0.71 27.66
CA ASP B 34 -13.32 0.51 27.09
C ASP B 34 -14.01 0.93 25.79
N ALA B 35 -15.14 0.33 25.43
CA ALA B 35 -15.76 0.61 24.11
C ALA B 35 -16.70 1.83 24.22
N THR B 36 -16.52 2.81 23.35
CA THR B 36 -17.46 3.93 23.11
C THR B 36 -17.83 3.97 21.62
N LEU B 37 -18.87 4.72 21.26
CA LEU B 37 -19.27 4.77 19.83
C LEU B 37 -18.08 5.30 19.02
N ALA B 38 -17.36 6.28 19.58
CA ALA B 38 -16.19 6.87 18.92
C ALA B 38 -15.05 5.86 18.89
N SER B 39 -14.75 5.16 19.99
CA SER B 39 -13.55 4.28 20.01
C SER B 39 -13.70 3.11 19.04
N ILE B 40 -14.93 2.65 18.79
CA ILE B 40 -15.20 1.50 17.87
CA ILE B 40 -15.12 1.49 17.86
C ILE B 40 -15.21 1.97 16.41
N ALA B 41 -15.29 3.28 16.15
CA ALA B 41 -15.55 3.77 14.78
C ALA B 41 -14.47 3.35 13.78
N PRO B 42 -13.16 3.36 14.12
CA PRO B 42 -12.13 2.90 13.20
C PRO B 42 -11.91 1.38 13.10
N TRP B 43 -12.60 0.59 13.94
CA TRP B 43 -12.35 -0.86 14.14
C TRP B 43 -12.36 -1.58 12.78
N ALA B 44 -13.28 -1.26 11.89
CA ALA B 44 -13.46 -2.05 10.65
C ALA B 44 -12.23 -1.90 9.75
N ASP B 45 -11.41 -0.85 9.93
CA ASP B 45 -10.17 -0.62 9.14
C ASP B 45 -8.96 -1.30 9.77
N GLN B 46 -9.11 -1.86 10.97
CA GLN B 46 -8.00 -2.40 11.79
C GLN B 46 -8.03 -3.93 11.88
N LEU B 47 -8.74 -4.66 11.00
CA LEU B 47 -8.98 -6.12 11.13
C LEU B 47 -7.81 -6.97 10.63
N ARG B 48 -6.84 -6.42 9.89
CA ARG B 48 -5.60 -7.17 9.51
C ARG B 48 -4.98 -7.75 10.79
N ALA B 49 -4.82 -6.89 11.79
CA ALA B 49 -4.22 -7.20 13.10
C ALA B 49 -5.24 -7.92 13.99
N LYS B 50 -6.50 -7.47 13.97
CA LYS B 50 -7.54 -7.86 14.95
C LYS B 50 -8.24 -9.17 14.55
N ASP B 51 -8.57 -9.34 13.26
CA ASP B 51 -9.38 -10.48 12.74
C ASP B 51 -9.16 -10.59 11.24
N PRO B 52 -8.02 -11.17 10.79
CA PRO B 52 -7.67 -11.19 9.36
C PRO B 52 -8.73 -11.79 8.41
N GLY B 53 -9.33 -12.92 8.78
CA GLY B 53 -10.41 -13.59 8.03
C GLY B 53 -11.57 -12.65 7.76
N LEU B 54 -12.12 -12.03 8.82
CA LEU B 54 -13.17 -10.97 8.69
C LEU B 54 -12.64 -9.81 7.84
N GLY B 55 -11.38 -9.42 8.04
CA GLY B 55 -10.73 -8.32 7.31
C GLY B 55 -10.74 -8.59 5.81
N ARG B 56 -10.34 -9.79 5.37
CA ARG B 56 -10.39 -10.17 3.94
C ARG B 56 -11.85 -10.20 3.48
N ARG B 57 -12.75 -10.78 4.26
CA ARG B 57 -14.18 -10.96 3.87
C ARG B 57 -14.83 -9.60 3.65
N SER B 58 -14.45 -8.59 4.43
CA SER B 58 -15.21 -7.32 4.52
C SER B 58 -14.45 -6.15 3.87
N ALA B 59 -13.26 -6.35 3.29
CA ALA B 59 -12.42 -5.24 2.78
C ALA B 59 -13.16 -4.47 1.69
N GLY B 60 -13.91 -5.13 0.83
CA GLY B 60 -14.64 -4.45 -0.26
C GLY B 60 -15.86 -3.72 0.25
N TRP B 61 -16.30 -3.98 1.48
CA TRP B 61 -17.52 -3.37 2.04
C TRP B 61 -17.33 -1.87 2.26
N HIS B 62 -16.10 -1.39 2.18
CA HIS B 62 -15.79 0.02 2.52
C HIS B 62 -16.09 0.98 1.38
N TYR B 63 -16.43 0.49 0.20
CA TYR B 63 -16.47 1.39 -0.98
C TYR B 63 -17.37 0.76 -2.04
N VAL B 64 -17.64 1.54 -3.07
CA VAL B 64 -18.40 1.10 -4.26
C VAL B 64 -17.85 1.93 -5.39
N ASN B 65 -17.76 1.39 -6.58
CA ASN B 65 -17.15 2.14 -7.72
C ASN B 65 -18.25 2.39 -8.75
N ILE B 66 -18.91 3.54 -8.68
CA ILE B 66 -20.07 3.85 -9.58
C ILE B 66 -19.77 5.04 -10.47
N ALA B 67 -18.59 5.66 -10.37
CA ALA B 67 -18.34 6.88 -11.16
C ALA B 67 -18.27 6.57 -12.66
N GLU B 68 -17.77 5.39 -13.06
CA GLU B 68 -17.75 5.04 -14.51
C GLU B 68 -19.16 5.17 -15.09
N ASP B 69 -20.18 4.83 -14.30
CA ASP B 69 -21.59 4.79 -14.74
C ASP B 69 -22.35 6.02 -14.24
N ASN B 70 -21.69 7.17 -14.16
CA ASN B 70 -22.38 8.47 -13.92
C ASN B 70 -23.12 8.40 -12.59
N CYS B 71 -22.57 7.66 -11.63
CA CYS B 71 -23.10 7.62 -10.24
C CYS B 71 -24.53 7.07 -10.21
N HIS B 72 -24.82 6.11 -11.09
CA HIS B 72 -26.09 5.36 -11.10
C HIS B 72 -25.80 3.92 -10.66
N TYR B 73 -26.05 3.62 -9.40
CA TYR B 73 -25.77 2.31 -8.76
C TYR B 73 -26.73 1.24 -9.27
N GLU B 74 -26.17 0.07 -9.56
CA GLU B 74 -26.89 -1.18 -9.91
C GLU B 74 -26.23 -2.32 -9.12
N ALA B 75 -26.96 -2.98 -8.23
CA ALA B 75 -26.35 -3.99 -7.35
C ALA B 75 -25.69 -5.13 -8.15
N PRO B 76 -26.29 -5.72 -9.21
CA PRO B 76 -25.63 -6.83 -9.91
C PRO B 76 -24.29 -6.44 -10.57
N LYS B 77 -24.16 -5.20 -11.02
CA LYS B 77 -22.97 -4.70 -11.76
C LYS B 77 -21.94 -4.18 -10.75
N HIS B 78 -22.38 -3.42 -9.74
CA HIS B 78 -21.46 -2.64 -8.86
C HIS B 78 -21.22 -3.40 -7.57
N CYS B 79 -22.01 -4.43 -7.29
CA CYS B 79 -21.99 -5.06 -5.95
C CYS B 79 -22.07 -6.58 -6.06
N ARG B 80 -21.27 -7.17 -6.95
CA ARG B 80 -21.24 -8.65 -7.13
C ARG B 80 -20.97 -9.29 -5.75
N ASN B 81 -21.76 -10.28 -5.39
CA ASN B 81 -21.62 -11.04 -4.13
C ASN B 81 -21.91 -10.15 -2.91
N GLY B 82 -22.57 -9.01 -3.09
CA GLY B 82 -22.89 -8.08 -1.99
C GLY B 82 -21.64 -7.38 -1.48
N ASN B 83 -20.53 -7.50 -2.23
CA ASN B 83 -19.21 -7.03 -1.78
C ASN B 83 -19.00 -5.55 -2.12
N CYS B 84 -19.77 -4.68 -1.50
CA CYS B 84 -19.61 -3.21 -1.61
C CYS B 84 -20.38 -2.54 -0.48
N ILE B 85 -20.12 -1.25 -0.29
CA ILE B 85 -20.67 -0.54 0.89
C ILE B 85 -22.19 -0.43 0.86
N VAL B 86 -22.82 -0.37 -0.29
CA VAL B 86 -24.31 -0.18 -0.32
C VAL B 86 -24.99 -1.41 0.30
N GLU B 87 -24.70 -2.60 -0.23
CA GLU B 87 -25.39 -3.82 0.24
C GLU B 87 -24.87 -4.17 1.64
N ALA B 88 -23.58 -3.93 1.95
CA ALA B 88 -23.03 -4.25 3.29
C ALA B 88 -23.68 -3.37 4.34
N LEU B 89 -23.83 -2.07 4.07
CA LEU B 89 -24.48 -1.19 5.07
C LEU B 89 -25.92 -1.65 5.29
N LYS B 90 -26.65 -1.97 4.21
CA LYS B 90 -28.04 -2.51 4.33
C LYS B 90 -28.06 -3.77 5.21
N ALA B 91 -27.17 -4.73 4.95
CA ALA B 91 -27.19 -6.03 5.64
C ALA B 91 -26.84 -5.80 7.11
N GLN B 92 -25.82 -4.98 7.39
CA GLN B 92 -25.35 -4.77 8.80
C GLN B 92 -26.42 -4.01 9.60
N SER B 93 -27.22 -3.19 8.94
CA SER B 93 -28.36 -2.44 9.56
C SER B 93 -29.44 -3.44 9.96
N THR B 94 -29.77 -4.37 9.06
CA THR B 94 -30.73 -5.45 9.36
C THR B 94 -30.23 -6.27 10.55
N ILE B 95 -28.96 -6.71 10.51
CA ILE B 95 -28.37 -7.54 11.60
C ILE B 95 -28.45 -6.78 12.92
N LEU B 96 -28.04 -5.52 12.91
CA LEU B 96 -28.02 -4.71 14.14
C LEU B 96 -29.41 -4.70 14.78
N GLY B 97 -30.45 -4.56 13.95
CA GLY B 97 -31.85 -4.46 14.41
C GLY B 97 -32.46 -5.80 14.81
N ASP B 98 -31.75 -6.91 14.64
CA ASP B 98 -32.25 -8.27 14.95
C ASP B 98 -32.02 -8.56 16.43
N ARG B 99 -33.04 -8.32 17.27
CA ARG B 99 -32.89 -8.45 18.74
C ARG B 99 -32.76 -9.92 19.16
N SER B 100 -32.98 -10.87 18.25
CA SER B 100 -32.91 -12.32 18.59
C SER B 100 -31.45 -12.76 18.63
N LEU B 101 -30.53 -11.93 18.11
CA LEU B 101 -29.09 -12.30 18.02
C LEU B 101 -28.42 -12.05 19.37
N THR B 102 -27.20 -12.57 19.50
CA THR B 102 -26.35 -12.40 20.70
C THR B 102 -25.85 -10.94 20.76
N ASP B 103 -25.50 -10.49 21.95
CA ASP B 103 -24.91 -9.15 22.11
C ASP B 103 -23.67 -9.04 21.24
N GLY B 104 -22.86 -10.11 21.15
CA GLY B 104 -21.61 -10.09 20.35
C GLY B 104 -21.92 -9.90 18.88
N GLU B 105 -22.94 -10.57 18.37
CA GLU B 105 -23.32 -10.45 16.94
C GLU B 105 -23.81 -9.03 16.66
N ARG B 106 -24.64 -8.47 17.53
CA ARG B 106 -25.22 -7.11 17.34
C ARG B 106 -24.14 -6.04 17.54
N LEU B 107 -23.21 -6.23 18.48
CA LEU B 107 -22.11 -5.26 18.67
C LEU B 107 -21.24 -5.26 17.40
N GLN B 108 -20.96 -6.43 16.80
CA GLN B 108 -20.13 -6.44 15.58
C GLN B 108 -20.84 -5.69 14.44
N ALA B 109 -22.16 -5.89 14.27
CA ALA B 109 -22.96 -5.14 13.27
C ALA B 109 -22.90 -3.63 13.59
N LEU B 110 -22.99 -3.26 14.87
CA LEU B 110 -22.94 -1.81 15.24
C LEU B 110 -21.59 -1.24 14.79
N LYS B 111 -20.50 -1.96 15.02
CA LYS B 111 -19.15 -1.48 14.63
C LYS B 111 -19.12 -1.27 13.10
N PHE B 112 -19.65 -2.22 12.32
CA PHE B 112 -19.71 -2.00 10.86
C PHE B 112 -20.61 -0.81 10.51
N VAL B 113 -21.78 -0.71 11.12
CA VAL B 113 -22.73 0.39 10.76
C VAL B 113 -22.04 1.72 11.03
N VAL B 114 -21.42 1.86 12.21
CA VAL B 114 -20.77 3.14 12.57
C VAL B 114 -19.72 3.50 11.52
N HIS B 115 -18.86 2.53 11.18
CA HIS B 115 -17.75 2.74 10.23
C HIS B 115 -18.31 3.06 8.85
N LEU B 116 -19.23 2.21 8.36
CA LEU B 116 -19.68 2.30 6.95
C LEU B 116 -20.55 3.56 6.73
N VAL B 117 -21.33 4.03 7.69
CA VAL B 117 -22.01 5.33 7.44
C VAL B 117 -20.93 6.40 7.24
N GLY B 118 -19.83 6.35 7.98
CA GLY B 118 -18.69 7.25 7.71
C GLY B 118 -18.18 7.08 6.28
N ASP B 119 -17.78 5.87 5.91
CA ASP B 119 -17.11 5.66 4.60
C ASP B 119 -18.05 6.02 3.44
N ILE B 120 -19.35 5.76 3.55
CA ILE B 120 -20.28 5.98 2.41
C ILE B 120 -20.46 7.48 2.15
N HIS B 121 -20.05 8.34 3.10
CA HIS B 121 -20.08 9.81 2.98
C HIS B 121 -18.71 10.37 2.60
N GLN B 122 -17.70 9.54 2.36
CA GLN B 122 -16.38 10.00 1.85
C GLN B 122 -16.48 9.94 0.34
N PRO B 123 -16.51 11.07 -0.38
CA PRO B 123 -16.77 11.05 -1.82
C PRO B 123 -15.99 10.00 -2.62
N MET B 124 -14.71 9.82 -2.27
CA MET B 124 -13.78 8.96 -3.06
C MET B 124 -14.05 7.49 -2.81
N HIS B 125 -14.84 7.18 -1.78
CA HIS B 125 -15.32 5.81 -1.53
C HIS B 125 -16.48 5.43 -2.46
N ALA B 126 -16.90 6.32 -3.37
CA ALA B 126 -17.96 6.00 -4.36
C ALA B 126 -17.51 6.38 -5.77
N GLY B 127 -16.21 6.43 -5.99
CA GLY B 127 -15.61 6.96 -7.22
C GLY B 127 -15.37 5.92 -8.31
N TYR B 128 -14.26 6.08 -9.01
CA TYR B 128 -13.95 5.24 -10.19
C TYR B 128 -13.31 3.91 -9.80
N ALA B 129 -13.66 2.82 -10.50
CA ALA B 129 -12.88 1.57 -10.45
C ALA B 129 -11.49 1.79 -11.01
N HIS B 130 -11.34 2.56 -12.09
CA HIS B 130 -10.05 2.48 -12.82
C HIS B 130 -8.91 3.12 -12.02
N ASP B 131 -9.20 4.06 -11.10
CA ASP B 131 -8.11 4.63 -10.27
C ASP B 131 -8.33 4.27 -8.81
N LYS B 132 -9.16 3.25 -8.54
CA LYS B 132 -9.41 2.75 -7.18
C LYS B 132 -9.82 3.90 -6.27
N GLY B 133 -10.86 4.64 -6.67
CA GLY B 133 -11.37 5.73 -5.81
C GLY B 133 -10.33 6.80 -5.58
N GLY B 134 -9.49 7.04 -6.58
CA GLY B 134 -8.47 8.09 -6.50
C GLY B 134 -7.15 7.60 -5.92
N ASN B 135 -7.07 6.37 -5.42
CA ASN B 135 -5.81 5.83 -4.85
C ASN B 135 -4.70 5.87 -5.92
N ASP B 136 -5.04 5.64 -7.19
CA ASP B 136 -4.01 5.57 -8.25
C ASP B 136 -3.58 6.97 -8.72
N PHE B 137 -4.25 8.04 -8.28
CA PHE B 137 -3.85 9.43 -8.62
C PHE B 137 -2.85 9.88 -7.57
N GLN B 138 -1.58 9.66 -7.86
CA GLN B 138 -0.49 10.06 -6.99
C GLN B 138 -0.25 11.54 -7.18
N LEU B 139 -0.06 12.26 -6.09
CA LEU B 139 0.22 13.69 -6.18
C LEU B 139 1.03 14.15 -4.98
N GLN B 140 1.58 15.34 -5.09
CA GLN B 140 2.33 16.02 -4.03
CA GLN B 140 2.31 16.01 -4.00
C GLN B 140 1.37 17.02 -3.37
N PHE B 141 1.21 16.93 -2.06
CA PHE B 141 0.35 17.82 -1.29
C PHE B 141 1.26 18.53 -0.33
N GLY B 142 1.51 19.79 -0.62
CA GLY B 142 2.59 20.52 0.05
C GLY B 142 3.90 19.80 -0.15
N ASN B 143 4.54 19.34 0.92
CA ASN B 143 5.85 18.67 0.90
C ASN B 143 5.71 17.17 1.21
N ARG B 144 4.61 16.54 0.82
CA ARG B 144 4.42 15.11 1.09
C ARG B 144 3.87 14.46 -0.17
N GLY B 145 4.35 13.28 -0.51
CA GLY B 145 3.66 12.45 -1.50
C GLY B 145 2.44 11.77 -0.93
N THR B 146 1.32 11.83 -1.64
CA THR B 146 0.07 11.19 -1.24
C THR B 146 -0.68 10.80 -2.50
N ASN B 147 -1.98 10.62 -2.35
CA ASN B 147 -2.85 10.30 -3.48
C ASN B 147 -4.19 10.94 -3.20
N LEU B 148 -5.00 11.04 -4.24
CA LEU B 148 -6.26 11.78 -4.13
C LEU B 148 -7.20 11.11 -3.11
N HIS B 149 -7.19 9.78 -3.00
CA HIS B 149 -8.01 9.06 -2.00
C HIS B 149 -7.62 9.49 -0.59
N SER B 150 -6.34 9.40 -0.28
CA SER B 150 -5.79 9.69 1.06
C SER B 150 -6.00 11.17 1.38
N LEU B 151 -5.87 12.01 0.38
CA LEU B 151 -6.08 13.47 0.58
C LEU B 151 -7.46 13.71 1.17
N TRP B 152 -8.47 13.01 0.66
CA TRP B 152 -9.86 13.11 1.18
C TRP B 152 -10.05 12.29 2.47
N ASP B 153 -9.43 11.11 2.61
CA ASP B 153 -9.59 10.32 3.84
C ASP B 153 -9.06 11.09 5.05
N SER B 154 -7.93 11.76 4.94
CA SER B 154 -7.25 12.37 6.11
C SER B 154 -6.34 13.56 5.77
N GLY B 155 -5.79 13.67 4.57
CA GLY B 155 -4.79 14.72 4.33
C GLY B 155 -5.34 16.10 4.63
N MET B 156 -6.50 16.43 4.06
CA MET B 156 -7.11 17.78 4.29
C MET B 156 -7.54 17.90 5.77
N LEU B 157 -8.14 16.88 6.37
CA LEU B 157 -8.57 16.99 7.78
C LEU B 157 -7.33 17.26 8.65
N ASN B 158 -6.23 16.61 8.33
CA ASN B 158 -5.03 16.69 9.20
C ASN B 158 -4.51 18.14 9.21
N THR B 159 -4.82 18.95 8.20
CA THR B 159 -4.30 20.34 8.13
C THR B 159 -4.85 21.17 9.30
N ARG B 160 -5.97 20.79 9.89
CA ARG B 160 -6.50 21.55 11.04
C ARG B 160 -5.56 21.41 12.25
N LYS B 161 -4.81 20.31 12.34
CA LYS B 161 -3.94 20.00 13.51
C LYS B 161 -4.78 20.09 14.80
N LEU B 162 -5.98 19.52 14.76
CA LEU B 162 -6.89 19.48 15.94
C LEU B 162 -7.00 18.04 16.45
N ASP B 163 -7.02 17.90 17.76
CA ASP B 163 -7.48 16.63 18.37
C ASP B 163 -9.02 16.52 18.21
N ASP B 164 -9.60 15.38 18.54
CA ASP B 164 -11.06 15.20 18.38
C ASP B 164 -11.83 16.29 19.13
N ALA B 165 -11.37 16.64 20.33
CA ALA B 165 -12.09 17.59 21.20
C ALA B 165 -12.11 18.98 20.55
N GLY B 166 -11.11 19.32 19.75
CA GLY B 166 -11.08 20.62 19.05
C GLY B 166 -11.82 20.57 17.72
N TYR B 167 -11.81 19.42 17.08
CA TYR B 167 -12.43 19.24 15.75
C TYR B 167 -13.95 19.10 15.92
N LEU B 168 -14.39 18.34 16.90
CA LEU B 168 -15.84 18.02 17.03
C LEU B 168 -16.69 19.28 17.04
N PRO B 169 -16.42 20.28 17.92
CA PRO B 169 -17.31 21.45 17.95
C PRO B 169 -17.25 22.31 16.69
N LEU B 170 -16.16 22.21 15.91
CA LEU B 170 -16.13 22.87 14.59
CA LEU B 170 -16.09 22.83 14.56
C LEU B 170 -17.19 22.23 13.70
N LEU B 171 -17.29 20.90 13.71
CA LEU B 171 -18.31 20.20 12.89
C LEU B 171 -19.70 20.57 13.40
N GLN B 172 -19.86 20.57 14.72
CA GLN B 172 -21.16 20.83 15.38
C GLN B 172 -21.58 22.28 15.16
N SER B 173 -20.63 23.19 14.91
CA SER B 173 -20.99 24.62 14.76
CA SER B 173 -20.86 24.65 14.71
C SER B 173 -21.45 24.93 13.32
N GLN B 174 -21.36 23.96 12.40
CA GLN B 174 -21.82 24.19 11.00
C GLN B 174 -23.33 24.37 11.00
N ARG B 175 -23.88 25.04 9.99
CA ARG B 175 -25.33 25.03 9.71
C ARG B 175 -25.79 23.56 9.61
N ALA B 176 -26.97 23.25 10.17
CA ALA B 176 -27.51 21.87 10.19
C ALA B 176 -27.81 21.41 8.77
N PRO B 177 -27.43 20.18 8.37
CA PRO B 177 -27.89 19.63 7.10
C PRO B 177 -29.37 19.25 7.21
N LYS B 178 -30.09 19.38 6.10
CA LYS B 178 -31.49 18.90 5.94
C LYS B 178 -31.41 17.40 5.65
N LEU B 179 -31.94 16.59 6.57
CA LEU B 179 -31.96 15.13 6.39
C LEU B 179 -33.26 14.73 5.70
N ALA B 180 -33.34 13.48 5.26
CA ALA B 180 -34.63 12.87 4.87
C ALA B 180 -35.59 12.99 6.05
N ARG B 181 -36.90 13.04 5.78
CA ARG B 181 -37.92 13.06 6.88
C ARG B 181 -37.70 11.86 7.81
N GLN B 182 -37.37 10.67 7.31
CA GLN B 182 -37.09 9.51 8.18
C GLN B 182 -35.98 8.67 7.57
N SER B 183 -35.34 7.85 8.41
CA SER B 183 -34.38 6.81 7.98
C SER B 183 -35.15 5.74 7.19
N ASN B 184 -34.66 5.38 6.00
CA ASN B 184 -35.06 4.14 5.30
C ASN B 184 -33.80 3.29 5.17
N PRO B 185 -33.54 2.36 6.12
CA PRO B 185 -32.26 1.66 6.13
C PRO B 185 -31.98 0.80 4.88
N GLN B 186 -33.02 0.46 4.13
CA GLN B 186 -32.85 -0.32 2.89
C GLN B 186 -32.54 0.55 1.69
N ARG B 187 -33.09 1.77 1.60
CA ARG B 187 -33.03 2.60 0.37
C ARG B 187 -31.95 3.68 0.54
N ASP B 188 -31.68 4.11 1.77
CA ASP B 188 -30.78 5.28 1.98
C ASP B 188 -29.33 4.97 1.59
N PRO B 189 -28.77 3.76 1.80
CA PRO B 189 -27.37 3.55 1.43
C PRO B 189 -27.10 3.88 -0.04
N GLN B 190 -27.96 3.46 -0.97
CA GLN B 190 -27.77 3.81 -2.40
C GLN B 190 -27.81 5.34 -2.58
N THR B 191 -28.78 5.99 -1.97
CA THR B 191 -28.90 7.48 -2.04
C THR B 191 -27.58 8.11 -1.61
N TRP B 192 -27.05 7.65 -0.46
CA TRP B 192 -25.82 8.26 0.10
C TRP B 192 -24.64 8.01 -0.84
N ALA B 193 -24.46 6.78 -1.29
CA ALA B 193 -23.34 6.47 -2.18
C ALA B 193 -23.43 7.29 -3.47
N GLU B 194 -24.62 7.44 -4.05
CA GLU B 194 -24.76 8.20 -5.32
C GLU B 194 -24.46 9.68 -5.04
N ALA B 195 -24.86 10.22 -3.89
CA ALA B 195 -24.56 11.63 -3.52
C ALA B 195 -23.04 11.82 -3.41
N SER B 196 -22.37 10.89 -2.75
CA SER B 196 -20.89 10.90 -2.57
C SER B 196 -20.21 10.82 -3.93
N CYS B 197 -20.65 9.89 -4.78
CA CYS B 197 -20.09 9.77 -6.13
C CYS B 197 -20.24 11.12 -6.86
N ARG B 198 -21.39 11.77 -6.74
CA ARG B 198 -21.59 13.04 -7.48
C ARG B 198 -20.58 14.09 -6.98
N ILE B 199 -20.24 14.09 -5.68
CA ILE B 199 -19.17 15.02 -5.20
C ILE B 199 -17.87 14.66 -5.91
N SER B 200 -17.52 13.37 -5.97
CA SER B 200 -16.23 12.92 -6.53
C SER B 200 -16.12 13.34 -8.00
N MET B 201 -17.25 13.53 -8.67
CA MET B 201 -17.30 13.84 -10.12
CA MET B 201 -17.34 13.83 -10.12
C MET B 201 -17.48 15.34 -10.38
N GLN B 202 -17.50 16.17 -9.33
CA GLN B 202 -17.57 17.65 -9.52
C GLN B 202 -16.33 18.14 -10.26
N ALA B 203 -16.49 19.09 -11.16
CA ALA B 203 -15.33 19.76 -11.79
C ALA B 203 -14.43 20.33 -10.72
N GLY B 204 -13.14 20.02 -10.79
CA GLY B 204 -12.15 20.58 -9.86
C GLY B 204 -11.73 19.61 -8.77
N VAL B 205 -12.51 18.56 -8.48
CA VAL B 205 -12.11 17.62 -7.40
C VAL B 205 -10.84 16.87 -7.82
N TYR B 206 -10.70 16.56 -9.10
CA TYR B 206 -9.46 16.00 -9.65
C TYR B 206 -8.57 17.16 -10.04
N PRO B 207 -7.41 17.30 -9.40
CA PRO B 207 -6.47 18.32 -9.83
C PRO B 207 -5.97 18.08 -11.26
N ALA B 208 -5.66 19.17 -11.94
CA ALA B 208 -5.11 19.09 -13.30
C ALA B 208 -3.59 18.88 -13.27
N THR B 209 -2.95 19.07 -12.12
CA THR B 209 -1.50 18.87 -11.97
C THR B 209 -1.28 17.83 -10.88
N ARG B 210 -0.03 17.46 -10.67
CA ARG B 210 0.32 16.50 -9.60
C ARG B 210 0.89 17.23 -8.39
N LYS B 211 0.79 18.55 -8.31
CA LYS B 211 1.25 19.30 -7.13
C LYS B 211 0.15 20.26 -6.72
N ILE B 212 -0.32 20.12 -5.48
CA ILE B 212 -1.41 20.97 -4.95
C ILE B 212 -1.04 21.38 -3.55
N GLY B 213 -1.80 22.29 -3.00
CA GLY B 213 -1.49 22.85 -1.68
C GLY B 213 -2.67 23.54 -1.09
N ASP B 214 -2.46 24.73 -0.55
CA ASP B 214 -3.46 25.43 0.28
C ASP B 214 -4.70 25.80 -0.55
N GLU B 215 -4.56 26.09 -1.85
CA GLU B 215 -5.76 26.46 -2.65
C GLU B 215 -6.76 25.30 -2.63
N TYR B 216 -6.29 24.08 -2.84
CA TYR B 216 -7.16 22.88 -2.84
C TYR B 216 -7.78 22.71 -1.46
N THR B 217 -6.98 22.77 -0.41
CA THR B 217 -7.48 22.59 0.98
C THR B 217 -8.56 23.63 1.28
N GLU B 218 -8.28 24.89 0.98
CA GLU B 218 -9.24 25.96 1.33
C GLU B 218 -10.56 25.76 0.58
N ARG B 219 -10.54 25.18 -0.63
CA ARG B 219 -11.78 24.94 -1.39
C ARG B 219 -12.51 23.70 -0.86
N TYR B 220 -11.79 22.62 -0.63
CA TYR B 220 -12.42 21.28 -0.47
C TYR B 220 -12.45 20.81 0.99
N ARG B 221 -11.57 21.30 1.85
CA ARG B 221 -11.65 20.85 3.28
C ARG B 221 -13.03 21.23 3.85
N PRO B 222 -13.65 22.39 3.52
CA PRO B 222 -15.01 22.64 4.00
C PRO B 222 -16.03 21.57 3.58
N LEU B 223 -15.87 21.03 2.39
CA LEU B 223 -16.82 20.03 1.85
C LEU B 223 -16.58 18.70 2.56
N ALA B 224 -15.31 18.32 2.76
CA ALA B 224 -14.97 17.13 3.58
C ALA B 224 -15.58 17.27 4.97
N GLU B 225 -15.44 18.45 5.60
CA GLU B 225 -15.98 18.69 6.97
C GLU B 225 -17.51 18.63 6.94
N ALA B 226 -18.15 19.20 5.92
CA ALA B 226 -19.62 19.13 5.77
C ALA B 226 -20.03 17.66 5.69
N GLN B 227 -19.27 16.84 4.96
CA GLN B 227 -19.59 15.41 4.81
C GLN B 227 -19.44 14.66 6.13
N LEU B 228 -18.47 15.01 6.98
CA LEU B 228 -18.34 14.41 8.32
C LEU B 228 -19.57 14.73 9.17
N ARG B 229 -19.99 16.00 9.16
CA ARG B 229 -21.20 16.42 9.90
C ARG B 229 -22.43 15.65 9.36
N LEU B 230 -22.58 15.58 8.04
CA LEU B 230 -23.75 14.93 7.43
C LEU B 230 -23.72 13.45 7.79
N ALA B 231 -22.54 12.82 7.68
CA ALA B 231 -22.40 11.40 8.03
C ALA B 231 -22.84 11.18 9.48
N GLY B 232 -22.39 12.04 10.39
CA GLY B 232 -22.77 11.89 11.81
C GLY B 232 -24.28 12.03 12.04
N GLU B 233 -24.91 13.03 11.42
CA GLU B 233 -26.37 13.24 11.52
C GLU B 233 -27.10 12.04 10.90
N ASN B 234 -26.67 11.57 9.75
CA ASN B 234 -27.31 10.42 9.08
C ASN B 234 -27.10 9.15 9.90
N LEU B 235 -25.94 8.98 10.55
CA LEU B 235 -25.70 7.81 11.44
C LEU B 235 -26.64 7.84 12.63
N ALA B 236 -26.78 9.00 13.26
CA ALA B 236 -27.69 9.10 14.42
C ALA B 236 -29.13 8.79 14.01
N GLN B 237 -29.59 9.34 12.87
CA GLN B 237 -30.97 9.10 12.38
CA GLN B 237 -30.97 9.10 12.39
C GLN B 237 -31.14 7.61 12.11
N LEU B 238 -30.13 6.97 11.55
CA LEU B 238 -30.22 5.50 11.31
C LEU B 238 -30.25 4.73 12.64
N LEU B 239 -29.37 5.01 13.59
CA LEU B 239 -29.35 4.27 14.89
C LEU B 239 -30.63 4.56 15.66
N ASN B 240 -31.15 5.77 15.60
CA ASN B 240 -32.43 6.12 16.25
C ASN B 240 -33.58 5.28 15.68
N ARG B 241 -33.59 5.00 14.37
CA ARG B 241 -34.64 4.14 13.75
C ARG B 241 -34.42 2.66 14.09
N VAL B 242 -33.17 2.18 14.02
CA VAL B 242 -32.84 0.73 14.13
C VAL B 242 -32.94 0.33 15.62
N LEU B 243 -32.43 1.17 16.54
CA LEU B 243 -32.31 0.85 17.98
C LEU B 243 -33.24 1.70 18.86
N GLY B 244 -34.01 2.62 18.30
CA GLY B 244 -34.92 3.51 19.05
C GLY B 244 -36.33 3.46 18.49
ZN ZN C . 22.88 -8.91 -4.37
ZN ZN D . 24.48 -6.03 -4.09
ZN ZN E . 23.80 -10.24 -0.03
C1 GOL F . 28.26 -15.69 -5.95
O1 GOL F . 27.09 -16.48 -6.05
C2 GOL F . 28.27 -14.58 -6.97
O2 GOL F . 27.91 -13.33 -6.31
C3 GOL F . 29.60 -14.44 -7.68
O3 GOL F . 30.35 -13.32 -7.20
C1 GOL G . 18.15 -29.87 -3.02
O1 GOL G . 18.83 -30.75 -3.91
C2 GOL G . 16.67 -29.77 -3.37
O2 GOL G . 16.56 -29.57 -4.78
C3 GOL G . 15.89 -30.98 -2.90
O3 GOL G . 14.55 -31.01 -3.38
C1 GOL H . 4.59 -1.90 -17.04
O1 GOL H . 5.87 -2.28 -17.53
C2 GOL H . 3.92 -0.97 -18.01
O2 GOL H . 4.89 -0.03 -18.45
C3 GOL H . 3.41 -1.69 -19.23
O3 GOL H . 4.51 -2.08 -20.05
C1 GOL I . 8.89 -4.73 -26.49
O1 GOL I . 9.86 -3.87 -27.09
C2 GOL I . 7.49 -4.42 -26.95
O2 GOL I . 7.01 -5.49 -27.76
C3 GOL I . 6.49 -4.17 -25.83
O3 GOL I . 6.78 -4.88 -24.63
C1 GOL J . 21.03 -29.34 1.47
O1 GOL J . 20.90 -30.76 1.55
C2 GOL J . 21.73 -28.88 0.20
O2 GOL J . 21.06 -29.41 -0.94
C3 GOL J . 23.19 -29.27 0.16
O3 GOL J . 24.05 -28.23 0.64
N1 U5P K . 25.72 -6.47 3.27
C2 U5P K . 24.37 -6.69 3.39
N3 U5P K . 23.85 -6.44 4.64
C4 U5P K . 24.54 -5.99 5.75
C5 U5P K . 25.96 -5.85 5.56
C6 U5P K . 26.50 -6.09 4.34
O2 U5P K . 23.64 -7.00 2.46
O4 U5P K . 23.92 -5.75 6.79
C1' U5P K . 26.35 -6.67 1.90
C2' U5P K . 26.12 -5.49 0.98
O2' U5P K . 25.95 -6.01 -0.35
C3' U5P K . 27.41 -4.70 1.12
C4' U5P K . 28.44 -5.80 1.26
O3' U5P K . 27.74 -3.89 0.00
O4' U5P K . 27.76 -6.81 2.02
C5' U5P K . 29.74 -5.43 1.93
O5' U5P K . 29.49 -4.82 3.20
P U5P K . 30.69 -4.59 4.19
O1P U5P K . 30.20 -3.60 5.21
O2P U5P K . 31.86 -4.01 3.38
O3P U5P K . 31.15 -5.95 4.68
ZN ZN L . -12.72 5.36 6.27
ZN ZN M . -13.13 2.02 5.97
ZN ZN N . -10.58 5.59 2.25
P PO4 O . -10.83 3.49 4.71
O1 PO4 O . -9.55 2.98 5.32
O2 PO4 O . -11.47 2.40 3.83
O3 PO4 O . -11.84 3.83 5.83
O4 PO4 O . -10.53 4.76 3.92
C1 GOL P . 8.15 24.29 -0.37
O1 GOL P . 7.28 24.63 0.71
C2 GOL P . 7.56 23.18 -1.20
O2 GOL P . 6.43 22.60 -0.53
C3 GOL P . 8.52 22.07 -1.61
O3 GOL P . 8.09 20.75 -1.20
N1 U5P Q . -10.59 2.01 -1.48
C2 U5P Q . -11.65 2.73 -1.99
N3 U5P Q . -11.95 2.45 -3.30
C4 U5P Q . -11.33 1.51 -4.12
C5 U5P Q . -10.27 0.80 -3.50
C6 U5P Q . -9.94 1.06 -2.22
O2 U5P Q . -12.30 3.51 -1.33
O4 U5P Q . -11.73 1.34 -5.28
C1' U5P Q . -10.12 2.36 -0.12
C2' U5P Q . -10.02 1.13 0.80
O2' U5P Q . -11.22 1.05 1.58
C3' U5P Q . -8.81 1.43 1.69
C4' U5P Q . -7.99 2.43 0.87
O3' U5P Q . -9.18 1.97 2.94
O4' U5P Q . -8.81 2.85 -0.25
C5' U5P Q . -6.70 1.88 0.33
O5' U5P Q . -7.05 0.69 -0.41
P U5P Q . -6.03 -0.54 -0.59
O1P U5P Q . -5.37 -0.76 0.71
O2P U5P Q . -5.05 -0.13 -1.70
O3P U5P Q . -6.88 -1.74 -1.05
S SO4 R . -0.43 7.97 1.35
O1 SO4 R . -1.47 6.97 1.45
O2 SO4 R . -0.93 9.26 1.75
O3 SO4 R . 0.67 7.59 2.21
O4 SO4 R . 0.05 8.06 -0.03
S SO4 S . -5.08 7.32 9.43
O1 SO4 S . -5.97 6.69 10.36
O2 SO4 S . -5.47 8.70 9.28
O3 SO4 S . -3.75 7.25 9.94
O4 SO4 S . -5.13 6.67 8.13
S SO4 T . 2.44 18.11 -12.80
O1 SO4 T . 2.41 18.49 -11.40
O2 SO4 T . 1.13 17.72 -13.22
O3 SO4 T . 2.89 19.23 -13.58
O4 SO4 T . 3.33 17.00 -12.98
#